data_2XDH
#
_entry.id   2XDH
#
_cell.length_a   101.754
_cell.length_b   101.754
_cell.length_c   101.754
_cell.angle_alpha   90.00
_cell.angle_beta   90.00
_cell.angle_gamma   90.00
#
_symmetry.space_group_name_H-M   'P 43 3 2'
#
loop_
_entity.id
_entity.type
_entity.pdbx_description
1 polymer COHESIN
2 non-polymer 'CHLORIDE ION'
3 non-polymer 'MAGNESIUM ION'
4 non-polymer 'SULFATE ION'
5 water water
#
_entity_poly.entity_id   1
_entity_poly.type   'polypeptide(L)'
_entity_poly.pdbx_seq_one_letter_code
;AKTTIIAGSAEAPQGSDIQVPVKIENADKVGSINLILSYPNVLEVEDVLQGSLTQNSLFDYQVEGNQIKVGIADSNGISG
DGSLFYVKFRVTGNEKAEQAENVKGKLRGLGQQLSEITLRNSHALTLQGIEIYDIDGNSVKVATINGTFRIVSQEEAHHH
HHH
;
_entity_poly.pdbx_strand_id   A
#
# COMPACT_ATOMS: atom_id res chain seq x y z
N ALA A 1 -7.54 19.86 -3.11
CA ALA A 1 -7.47 18.89 -2.01
C ALA A 1 -7.98 17.52 -2.44
N LYS A 2 -7.22 16.83 -3.28
CA LYS A 2 -7.66 15.57 -3.87
C LYS A 2 -7.19 14.34 -3.07
N THR A 3 -8.11 13.44 -2.74
CA THR A 3 -7.76 12.26 -1.96
C THR A 3 -6.90 11.34 -2.84
N THR A 4 -5.76 10.90 -2.31
CA THR A 4 -4.87 10.06 -3.11
C THR A 4 -4.43 8.87 -2.31
N ILE A 5 -4.40 7.71 -2.95
CA ILE A 5 -3.89 6.51 -2.28
C ILE A 5 -2.57 6.15 -2.94
N ILE A 6 -1.55 5.89 -2.13
CA ILE A 6 -0.18 5.75 -2.64
C ILE A 6 0.51 4.50 -2.11
N ALA A 7 0.95 3.64 -3.00
CA ALA A 7 1.75 2.48 -2.59
C ALA A 7 3.20 2.92 -2.45
N GLY A 8 3.84 2.52 -1.36
CA GLY A 8 5.22 2.92 -1.13
C GLY A 8 6.19 2.24 -2.08
N SER A 9 7.40 2.78 -2.16
CA SER A 9 8.45 2.19 -2.99
C SER A 9 9.59 1.68 -2.11
N ALA A 10 10.35 0.72 -2.61
CA ALA A 10 11.39 0.11 -1.79
C ALA A 10 12.43 -0.59 -2.63
N GLU A 11 13.56 -0.88 -2.01
CA GLU A 11 14.60 -1.66 -2.64
C GLU A 11 15.32 -2.48 -1.57
N ALA A 12 15.71 -3.69 -1.92
CA ALA A 12 16.38 -4.59 -0.98
C ALA A 12 16.97 -5.79 -1.71
N PRO A 13 17.91 -6.49 -1.08
CA PRO A 13 18.57 -7.64 -1.71
C PRO A 13 17.71 -8.89 -1.56
N GLN A 14 18.04 -9.93 -2.32
CA GLN A 14 17.39 -11.22 -2.16
C GLN A 14 17.55 -11.70 -0.72
N GLY A 15 16.50 -12.30 -0.18
CA GLY A 15 16.58 -12.91 1.15
C GLY A 15 16.17 -12.00 2.28
N SER A 16 15.96 -10.72 2.00
CA SER A 16 15.62 -9.81 3.08
C SER A 16 14.13 -9.55 3.11
N ASP A 17 13.64 -9.10 4.26
CA ASP A 17 12.25 -8.68 4.36
C ASP A 17 12.18 -7.17 4.18
N ILE A 18 11.10 -6.70 3.57
CA ILE A 18 10.83 -5.27 3.47
C ILE A 18 9.43 -4.98 3.97
N GLN A 19 9.22 -3.75 4.41
CA GLN A 19 7.91 -3.32 4.87
C GLN A 19 7.45 -2.17 3.97
N VAL A 20 6.39 -2.39 3.21
CA VAL A 20 5.89 -1.39 2.27
C VAL A 20 4.52 -0.90 2.70
N PRO A 21 4.41 0.40 2.98
CA PRO A 21 3.10 0.94 3.36
C PRO A 21 2.27 1.27 2.14
N VAL A 22 0.95 1.24 2.30
CA VAL A 22 0.05 1.91 1.38
C VAL A 22 -0.61 3.04 2.17
N LYS A 23 -0.47 4.26 1.67
CA LYS A 23 -0.85 5.43 2.45
C LYS A 23 -2.04 6.13 1.80
N ILE A 24 -2.72 6.96 2.58
CA ILE A 24 -3.73 7.84 2.00
C ILE A 24 -3.33 9.29 2.28
N GLU A 25 -3.62 10.16 1.31
N GLU A 25 -3.65 10.17 1.34
CA GLU A 25 -3.38 11.59 1.46
CA GLU A 25 -3.35 11.58 1.54
C GLU A 25 -4.68 12.35 1.33
C GLU A 25 -4.62 12.40 1.29
N ASN A 26 -4.88 13.35 2.18
CA ASN A 26 -6.07 14.20 2.10
C ASN A 26 -7.38 13.43 2.14
N ALA A 27 -7.45 12.41 2.99
CA ALA A 27 -8.72 11.72 3.20
C ALA A 27 -9.70 12.65 3.90
N ASP A 28 -10.98 12.55 3.54
CA ASP A 28 -12.00 13.39 4.14
C ASP A 28 -13.18 12.52 4.61
N LYS A 29 -13.11 12.07 5.86
CA LYS A 29 -14.17 11.25 6.44
C LYS A 29 -14.48 10.00 5.61
N VAL A 30 -13.44 9.29 5.20
CA VAL A 30 -13.63 8.04 4.47
C VAL A 30 -14.14 6.98 5.42
N GLY A 31 -15.18 6.26 4.98
CA GLY A 31 -15.78 5.23 5.81
C GLY A 31 -15.50 3.81 5.35
N SER A 32 -15.28 3.61 4.06
CA SER A 32 -14.92 2.28 3.63
C SER A 32 -14.01 2.32 2.42
N ILE A 33 -13.10 1.37 2.37
CA ILE A 33 -12.15 1.30 1.27
C ILE A 33 -12.01 -0.17 0.91
N ASN A 34 -12.17 -0.49 -0.38
CA ASN A 34 -11.74 -1.79 -0.87
C ASN A 34 -10.76 -1.53 -1.99
N LEU A 35 -9.66 -2.27 -1.98
CA LEU A 35 -8.70 -2.11 -3.06
C LEU A 35 -7.92 -3.40 -3.27
N ILE A 36 -7.17 -3.44 -4.37
CA ILE A 36 -6.29 -4.54 -4.69
C ILE A 36 -4.90 -3.97 -4.89
N LEU A 37 -3.92 -4.54 -4.19
CA LEU A 37 -2.51 -4.21 -4.44
C LEU A 37 -1.86 -5.37 -5.15
N SER A 38 -1.40 -5.15 -6.37
N SER A 38 -1.40 -5.15 -6.37
CA SER A 38 -0.70 -6.20 -7.10
CA SER A 38 -0.70 -6.21 -7.09
C SER A 38 0.79 -6.06 -6.88
C SER A 38 0.79 -6.06 -6.84
N TYR A 39 1.49 -7.18 -6.75
CA TYR A 39 2.93 -7.15 -6.49
C TYR A 39 3.69 -8.10 -7.40
N PRO A 40 4.99 -7.82 -7.64
CA PRO A 40 5.80 -8.63 -8.56
C PRO A 40 6.17 -10.02 -8.05
N ASN A 41 6.53 -10.91 -8.98
CA ASN A 41 6.93 -12.28 -8.65
C ASN A 41 8.15 -12.37 -7.74
N VAL A 42 8.96 -11.33 -7.75
N VAL A 42 8.98 -11.33 -7.76
CA VAL A 42 10.16 -11.31 -6.93
CA VAL A 42 10.17 -11.33 -6.92
C VAL A 42 9.82 -11.17 -5.45
C VAL A 42 9.85 -11.09 -5.45
N LEU A 43 8.59 -10.75 -5.17
CA LEU A 43 8.16 -10.55 -3.80
C LEU A 43 7.20 -11.65 -3.32
N GLU A 44 7.27 -11.92 -2.02
CA GLU A 44 6.38 -12.89 -1.41
C GLU A 44 5.82 -12.30 -0.14
N VAL A 45 4.50 -12.37 0.02
CA VAL A 45 3.83 -11.74 1.14
C VAL A 45 3.99 -12.57 2.42
N GLU A 46 4.51 -11.94 3.47
CA GLU A 46 4.67 -12.60 4.77
C GLU A 46 3.59 -12.16 5.77
N ASP A 47 3.15 -10.90 5.69
CA ASP A 47 2.11 -10.42 6.57
C ASP A 47 1.50 -9.14 6.03
N VAL A 48 0.30 -8.83 6.47
CA VAL A 48 -0.38 -7.59 6.13
C VAL A 48 -0.90 -7.00 7.44
N LEU A 49 -0.44 -5.80 7.78
CA LEU A 49 -0.72 -5.20 9.08
C LEU A 49 -1.48 -3.90 8.93
N GLN A 50 -2.35 -3.59 9.89
CA GLN A 50 -3.03 -2.30 9.95
C GLN A 50 -2.00 -1.18 10.03
N GLY A 51 -2.36 -0.01 9.52
CA GLY A 51 -1.47 1.13 9.48
C GLY A 51 -1.82 2.15 10.55
N SER A 52 -1.24 3.34 10.44
CA SER A 52 -1.38 4.35 11.49
C SER A 52 -2.81 4.87 11.62
N LEU A 53 -3.60 4.71 10.56
CA LEU A 53 -4.96 5.24 10.57
C LEU A 53 -6.01 4.19 10.85
N THR A 54 -5.62 2.92 10.80
CA THR A 54 -6.61 1.85 10.78
C THR A 54 -6.42 0.85 11.93
N GLN A 55 -5.68 1.26 12.97
CA GLN A 55 -5.42 0.39 14.12
C GLN A 55 -6.72 -0.09 14.74
N ASN A 56 -7.79 0.70 14.61
CA ASN A 56 -9.06 0.39 15.26
C ASN A 56 -10.21 0.27 14.26
N SER A 57 -9.87 0.29 12.98
CA SER A 57 -10.84 0.04 11.92
C SER A 57 -11.18 -1.45 11.84
N LEU A 58 -12.29 -1.79 11.17
CA LEU A 58 -12.55 -3.17 10.81
C LEU A 58 -11.71 -3.45 9.58
N PHE A 59 -10.80 -4.42 9.68
CA PHE A 59 -9.76 -4.62 8.67
C PHE A 59 -9.70 -6.07 8.15
N ASP A 60 -9.79 -6.25 6.83
CA ASP A 60 -9.70 -7.60 6.24
C ASP A 60 -8.73 -7.60 5.08
N TYR A 61 -8.06 -8.72 4.85
CA TYR A 61 -7.24 -8.85 3.66
C TYR A 61 -7.23 -10.29 3.18
N GLN A 62 -7.00 -10.48 1.91
CA GLN A 62 -6.92 -11.81 1.35
C GLN A 62 -5.85 -11.82 0.27
N VAL A 63 -4.88 -12.72 0.40
CA VAL A 63 -3.80 -12.81 -0.57
C VAL A 63 -4.10 -13.93 -1.55
N GLU A 64 -4.26 -13.59 -2.82
CA GLU A 64 -4.53 -14.60 -3.84
C GLU A 64 -3.73 -14.32 -5.10
N GLY A 65 -2.83 -15.25 -5.42
CA GLY A 65 -1.92 -15.05 -6.53
C GLY A 65 -1.03 -13.87 -6.23
N ASN A 66 -0.86 -13.01 -7.22
CA ASN A 66 -0.03 -11.82 -7.06
C ASN A 66 -0.82 -10.58 -6.69
N GLN A 67 -1.91 -10.77 -5.95
CA GLN A 67 -2.64 -9.59 -5.47
C GLN A 67 -3.18 -9.73 -4.06
N ILE A 68 -3.16 -8.62 -3.34
CA ILE A 68 -3.66 -8.57 -1.98
C ILE A 68 -4.95 -7.75 -2.01
N LYS A 69 -6.07 -8.38 -1.71
CA LYS A 69 -7.34 -7.67 -1.60
C LYS A 69 -7.49 -7.20 -0.17
N VAL A 70 -7.76 -5.91 0.00
CA VAL A 70 -7.83 -5.32 1.32
C VAL A 70 -9.16 -4.63 1.47
N GLY A 71 -9.79 -4.84 2.62
CA GLY A 71 -11.05 -4.19 2.91
C GLY A 71 -10.91 -3.48 4.23
N ILE A 72 -11.32 -2.21 4.26
CA ILE A 72 -11.30 -1.42 5.49
C ILE A 72 -12.67 -0.75 5.69
N ALA A 73 -13.21 -0.87 6.89
CA ALA A 73 -14.41 -0.12 7.24
C ALA A 73 -14.22 0.57 8.59
N ASP A 74 -14.68 1.81 8.70
CA ASP A 74 -14.44 2.56 9.91
C ASP A 74 -15.52 3.62 10.11
N SER A 75 -16.46 3.33 11.01
CA SER A 75 -17.59 4.22 11.27
C SER A 75 -17.18 5.60 11.78
N ASN A 76 -15.97 5.73 12.33
CA ASN A 76 -15.47 7.05 12.78
C ASN A 76 -15.11 7.98 11.62
N GLY A 77 -14.83 7.38 10.48
CA GLY A 77 -14.27 8.14 9.37
C GLY A 77 -12.76 8.22 9.51
N ILE A 78 -12.07 8.14 8.37
CA ILE A 78 -10.63 8.31 8.28
C ILE A 78 -10.38 9.61 7.53
N SER A 79 -9.58 10.50 8.11
CA SER A 79 -9.26 11.77 7.46
C SER A 79 -7.77 12.05 7.56
N GLY A 80 -7.30 12.97 6.71
CA GLY A 80 -5.91 13.40 6.74
C GLY A 80 -4.96 12.46 6.01
N ASP A 81 -3.71 12.41 6.47
CA ASP A 81 -2.68 11.63 5.81
C ASP A 81 -2.21 10.54 6.78
N GLY A 82 -1.84 9.39 6.26
CA GLY A 82 -1.29 8.33 7.09
C GLY A 82 -1.31 7.00 6.37
N SER A 83 -0.81 5.95 7.01
CA SER A 83 -0.84 4.63 6.40
C SER A 83 -2.16 3.91 6.64
N LEU A 84 -2.64 3.24 5.60
CA LEU A 84 -3.84 2.40 5.66
C LEU A 84 -3.44 0.98 6.06
N PHE A 85 -2.30 0.53 5.56
CA PHE A 85 -1.78 -0.78 5.95
C PHE A 85 -0.34 -0.89 5.52
N TYR A 86 0.36 -1.89 6.04
CA TYR A 86 1.75 -2.17 5.69
C TYR A 86 1.78 -3.59 5.19
N VAL A 87 2.56 -3.84 4.14
CA VAL A 87 2.75 -5.22 3.71
C VAL A 87 4.19 -5.63 4.02
N LYS A 88 4.35 -6.74 4.73
CA LYS A 88 5.68 -7.29 4.94
C LYS A 88 5.96 -8.27 3.82
N PHE A 89 6.98 -7.97 3.03
CA PHE A 89 7.36 -8.82 1.92
C PHE A 89 8.70 -9.46 2.21
N ARG A 90 8.96 -10.58 1.57
CA ARG A 90 10.28 -11.17 1.57
C ARG A 90 10.76 -11.16 0.14
N VAL A 91 11.99 -10.71 -0.07
CA VAL A 91 12.54 -10.65 -1.42
C VAL A 91 13.10 -12.01 -1.80
N THR A 92 12.42 -12.67 -2.73
CA THR A 92 12.81 -14.02 -3.15
C THR A 92 13.89 -13.99 -4.21
N THR A 118 25.68 -1.08 -14.85
CA THR A 118 25.18 -2.01 -13.84
C THR A 118 23.78 -2.51 -14.21
N LEU A 119 23.08 -1.75 -15.03
CA LEU A 119 21.70 -2.07 -15.43
C LEU A 119 20.84 -2.54 -14.25
N ARG A 120 19.70 -3.16 -14.57
CA ARG A 120 18.70 -3.63 -13.59
C ARG A 120 17.30 -3.22 -14.03
N ASN A 121 16.29 -3.87 -13.45
CA ASN A 121 14.91 -3.53 -13.78
C ASN A 121 14.00 -3.42 -12.56
N SER A 122 13.03 -2.51 -12.65
CA SER A 122 12.11 -2.24 -11.56
C SER A 122 10.79 -2.98 -11.71
N HIS A 123 10.02 -3.03 -10.63
CA HIS A 123 8.73 -3.72 -10.62
C HIS A 123 7.66 -2.82 -10.01
N ALA A 124 6.42 -3.00 -10.45
CA ALA A 124 5.32 -2.15 -10.00
C ALA A 124 4.63 -2.76 -8.81
N LEU A 125 4.28 -1.91 -7.85
CA LEU A 125 3.33 -2.29 -6.80
C LEU A 125 2.10 -1.49 -7.18
N THR A 126 1.12 -2.16 -7.77
N THR A 126 1.13 -2.16 -7.80
CA THR A 126 0.01 -1.47 -8.43
CA THR A 126 0.01 -1.46 -8.41
C THR A 126 -1.31 -1.50 -7.66
C THR A 126 -1.25 -1.47 -7.54
N LEU A 127 -1.93 -0.34 -7.52
CA LEU A 127 -3.21 -0.21 -6.82
C LEU A 127 -4.33 -0.20 -7.87
N GLN A 128 -5.29 -1.09 -7.70
N GLN A 128 -5.32 -1.06 -7.72
CA GLN A 128 -6.38 -1.21 -8.67
CA GLN A 128 -6.44 -1.02 -8.63
C GLN A 128 -7.68 -1.61 -7.99
C GLN A 128 -7.70 -1.58 -7.97
N GLY A 129 -8.77 -1.62 -8.75
CA GLY A 129 -10.04 -2.10 -8.26
C GLY A 129 -10.54 -1.29 -7.07
N ILE A 130 -10.23 0.00 -7.05
CA ILE A 130 -10.56 0.78 -5.84
C ILE A 130 -12.06 1.07 -5.71
N GLU A 131 -12.59 0.88 -4.51
CA GLU A 131 -13.97 1.26 -4.22
C GLU A 131 -13.93 2.03 -2.90
N ILE A 132 -14.27 3.31 -2.92
CA ILE A 132 -14.11 4.08 -1.70
C ILE A 132 -15.31 4.99 -1.48
N TYR A 133 -15.80 5.03 -0.24
CA TYR A 133 -16.99 5.82 0.12
C TYR A 133 -16.76 6.59 1.42
N ASP A 134 -17.39 7.75 1.55
CA ASP A 134 -17.27 8.45 2.84
C ASP A 134 -18.27 7.86 3.83
N ILE A 135 -18.30 8.38 5.06
CA ILE A 135 -19.12 7.78 6.10
C ILE A 135 -20.60 7.99 5.84
N ASP A 136 -20.95 8.84 4.86
CA ASP A 136 -22.35 9.06 4.50
C ASP A 136 -22.76 8.24 3.28
N GLY A 137 -21.86 7.36 2.84
CA GLY A 137 -22.11 6.50 1.70
C GLY A 137 -21.92 7.15 0.33
N ASN A 138 -21.27 8.32 0.29
CA ASN A 138 -21.03 8.93 -1.03
C ASN A 138 -19.76 8.38 -1.64
N SER A 139 -19.73 8.22 -2.97
CA SER A 139 -18.51 7.80 -3.66
C SER A 139 -17.45 8.89 -3.55
N VAL A 140 -16.22 8.48 -3.28
CA VAL A 140 -15.13 9.43 -3.12
C VAL A 140 -14.26 9.32 -4.35
N LYS A 141 -13.93 10.44 -4.97
CA LYS A 141 -12.99 10.44 -6.08
C LYS A 141 -11.59 10.36 -5.50
N VAL A 142 -10.80 9.45 -6.02
N VAL A 142 -10.76 9.48 -6.04
CA VAL A 142 -9.44 9.28 -5.58
CA VAL A 142 -9.43 9.23 -5.47
C VAL A 142 -8.49 9.23 -6.77
C VAL A 142 -8.38 8.93 -6.54
N ALA A 143 -7.28 9.68 -6.54
CA ALA A 143 -6.20 9.46 -7.50
C ALA A 143 -5.37 8.33 -6.91
N THR A 144 -4.64 7.60 -7.74
CA THR A 144 -3.78 6.56 -7.20
C THR A 144 -2.35 6.78 -7.69
N ILE A 145 -1.39 6.36 -6.87
CA ILE A 145 0.02 6.38 -7.24
C ILE A 145 0.64 5.03 -6.89
N ASN A 146 1.17 4.35 -7.90
CA ASN A 146 1.74 3.02 -7.71
C ASN A 146 3.15 3.09 -7.11
N GLY A 147 3.61 1.98 -6.56
CA GLY A 147 4.91 1.96 -5.93
C GLY A 147 5.86 1.29 -6.89
N THR A 148 7.14 1.37 -6.58
CA THR A 148 8.16 0.76 -7.42
C THR A 148 9.11 -0.04 -6.53
N PHE A 149 9.42 -1.27 -6.92
CA PHE A 149 10.36 -2.05 -6.13
C PHE A 149 11.52 -2.55 -6.96
N ARG A 150 12.73 -2.45 -6.41
CA ARG A 150 13.94 -2.91 -7.09
C ARG A 150 14.80 -3.81 -6.20
N ILE A 151 15.36 -4.86 -6.78
CA ILE A 151 16.34 -5.64 -6.05
C ILE A 151 17.67 -4.92 -6.10
N VAL A 152 18.30 -4.76 -4.94
CA VAL A 152 19.45 -3.89 -4.78
C VAL A 152 20.49 -4.54 -3.83
N SER A 153 21.73 -4.09 -3.86
CA SER A 153 22.77 -4.65 -3.00
C SER A 153 22.86 -3.87 -1.70
N GLN A 154 24.10 -3.64 -1.24
CA GLN A 154 24.36 -2.78 -0.09
C GLN A 154 24.04 -1.31 -0.42
N GLU A 155 23.28 -1.08 -1.47
CA GLU A 155 22.84 0.27 -1.77
C GLU A 155 21.86 0.76 -0.70
N GLU A 156 22.01 0.22 0.51
CA GLU A 156 21.20 0.66 1.64
C GLU A 156 21.86 1.83 2.36
N ALA A 157 22.59 2.60 1.56
CA ALA A 157 22.79 4.00 1.88
C ALA A 157 21.40 4.59 1.71
N HIS A 158 20.51 3.81 1.10
CA HIS A 158 19.14 4.24 0.90
C HIS A 158 18.45 4.42 2.24
N HIS A 159 18.71 3.50 3.17
CA HIS A 159 18.18 3.67 4.50
C HIS A 159 18.86 4.89 5.12
N HIS A 160 20.17 4.97 4.97
CA HIS A 160 20.96 6.09 5.46
C HIS A 160 20.43 7.44 4.98
N HIS A 161 19.87 7.48 3.78
CA HIS A 161 19.44 8.72 3.15
C HIS A 161 17.94 8.98 3.26
N HIS A 162 17.25 8.17 4.06
CA HIS A 162 15.80 8.28 4.15
C HIS A 162 15.35 9.67 4.61
N HIS A 163 14.69 10.39 3.70
CA HIS A 163 14.12 11.70 4.01
C HIS A 163 13.48 12.32 2.78
#